data_5UWL
#
_entry.id   5UWL
#
_cell.length_a   129.962
_cell.length_b   129.962
_cell.length_c   142.076
_cell.angle_alpha   90.00
_cell.angle_beta   90.00
_cell.angle_gamma   120.00
#
_symmetry.space_group_name_H-M   'P 64 2 2'
#
loop_
_entity.id
_entity.type
_entity.pdbx_description
1 polymer 'Collagenase 3'
2 non-polymer 'ZINC ION'
3 non-polymer 'CALCIUM ION'
4 non-polymer (S)-N-(3-methyl-1-(methylamino)-1-oxobutan-2-yl)-5-(4-(((4-oxo-4,5,6,7-tetrahydro-3H-cyclopenta[d]pyrimidin-2-yl)thio)methyl)phenyl)furan-2-carboxamide
5 water water
#
_entity_poly.entity_id   1
_entity_poly.type   'polypeptide(L)'
_entity_poly.pdbx_seq_one_letter_code
;MYNVFPRTLKWSKMNLTYRIVNYTPDMTHSEVEKAFKKAFKVWSDVTPLNFTRLHDGIADIMISFGIKEHGDFYPFDGPS
GLLAHAFPPGPNYGGDAHFDDDETWTSSSKGYNLFLVAAHEFGHSLGLDHSKDPGALMFPIYTYTGKSHFMLPDDDVQGI
QSLYGPGDEDPN
;
_entity_poly.pdbx_strand_id   A,B
#
# COMPACT_ATOMS: atom_id res chain seq x y z
N THR A 8 8.17 -8.34 -5.75
CA THR A 8 9.37 -7.84 -5.09
C THR A 8 10.41 -8.97 -4.93
N LEU A 9 11.71 -8.63 -5.04
CA LEU A 9 12.82 -9.56 -4.92
C LEU A 9 13.75 -9.11 -3.81
N LYS A 10 14.62 -10.01 -3.33
CA LYS A 10 15.55 -9.61 -2.29
C LYS A 10 16.80 -8.97 -2.89
N TRP A 11 17.69 -8.48 -2.03
CA TRP A 11 18.99 -8.00 -2.48
C TRP A 11 19.93 -9.20 -2.63
N SER A 12 20.66 -9.23 -3.75
CA SER A 12 21.66 -10.29 -3.96
C SER A 12 22.92 -10.11 -3.14
N LYS A 13 23.14 -8.93 -2.56
CA LYS A 13 24.34 -8.66 -1.77
C LYS A 13 23.95 -8.33 -0.34
N MET A 14 24.82 -8.72 0.60
CA MET A 14 24.64 -8.46 2.01
C MET A 14 25.09 -7.06 2.47
N ASN A 15 26.00 -6.39 1.75
CA ASN A 15 26.46 -5.06 2.17
C ASN A 15 25.70 -4.02 1.39
N LEU A 16 24.94 -3.19 2.11
CA LEU A 16 24.12 -2.17 1.46
C LEU A 16 24.56 -0.80 1.97
N THR A 17 24.21 0.22 1.21
CA THR A 17 24.53 1.57 1.58
C THR A 17 23.28 2.44 1.53
N TYR A 18 23.29 3.51 2.32
CA TYR A 18 22.25 4.52 2.24
C TYR A 18 22.87 5.90 2.27
N ARG A 19 22.04 6.87 1.96
CA ARG A 19 22.43 8.25 1.98
C ARG A 19 21.22 9.10 2.35
N ILE A 20 21.37 9.93 3.38
CA ILE A 20 20.37 10.93 3.73
C ILE A 20 20.55 12.11 2.78
N VAL A 21 19.69 12.19 1.77
CA VAL A 21 19.79 13.26 0.78
C VAL A 21 19.39 14.60 1.37
N ASN A 22 18.33 14.65 2.16
CA ASN A 22 17.92 15.87 2.86
C ASN A 22 17.37 15.49 4.22
N TYR A 23 16.95 16.50 4.99
CA TYR A 23 16.70 16.35 6.42
C TYR A 23 15.46 17.15 6.81
N THR A 24 14.57 16.54 7.58
CA THR A 24 13.46 17.29 8.12
C THR A 24 13.97 18.33 9.10
N PRO A 25 13.40 19.53 9.12
CA PRO A 25 13.72 20.50 10.18
C PRO A 25 13.21 20.14 11.56
N ASP A 26 12.29 19.18 11.69
CA ASP A 26 11.73 18.86 13.00
C ASP A 26 12.76 18.28 13.97
N MET A 27 13.83 17.69 13.46
CA MET A 27 14.89 17.16 14.30
C MET A 27 16.24 17.67 13.79
N THR A 28 17.25 17.64 14.67
CA THR A 28 18.59 17.98 14.22
C THR A 28 19.13 16.92 13.29
N HIS A 29 20.14 17.32 12.49
CA HIS A 29 20.80 16.40 11.58
C HIS A 29 21.24 15.14 12.31
N SER A 30 21.74 15.29 13.54
CA SER A 30 22.29 14.12 14.22
C SER A 30 21.20 13.26 14.85
N GLU A 31 20.05 13.84 15.20
CA GLU A 31 18.93 13.04 15.63
C GLU A 31 18.40 12.20 14.48
N VAL A 32 18.32 12.81 13.30
CA VAL A 32 17.91 12.08 12.11
C VAL A 32 18.88 10.93 11.85
N GLU A 33 20.18 11.20 11.91
CA GLU A 33 21.17 10.18 11.60
C GLU A 33 21.13 9.04 12.62
N LYS A 34 21.01 9.39 13.91
CA LYS A 34 20.83 8.38 14.96
C LYS A 34 19.59 7.54 14.69
N ALA A 35 18.49 8.17 14.29
CA ALA A 35 17.27 7.40 14.10
C ALA A 35 17.45 6.37 12.99
N PHE A 36 17.98 6.80 11.85
CA PHE A 36 18.14 5.88 10.74
C PHE A 36 19.16 4.79 11.08
N LYS A 37 20.22 5.14 11.81
CA LYS A 37 21.19 4.13 12.24
C LYS A 37 20.52 3.05 13.10
N LYS A 38 19.72 3.47 14.08
CA LYS A 38 19.05 2.51 14.97
C LYS A 38 18.05 1.66 14.18
N ALA A 39 17.40 2.25 13.17
CA ALA A 39 16.45 1.53 12.35
C ALA A 39 17.11 0.48 11.47
N PHE A 40 18.27 0.79 10.85
CA PHE A 40 18.95 -0.25 10.09
C PHE A 40 19.48 -1.32 11.00
N LYS A 41 19.87 -0.95 12.23
CA LYS A 41 20.35 -1.97 13.16
C LYS A 41 19.26 -2.99 13.49
N VAL A 42 17.98 -2.57 13.53
CA VAL A 42 16.88 -3.50 13.77
C VAL A 42 17.04 -4.73 12.90
N TRP A 43 17.40 -4.52 11.64
CA TRP A 43 17.48 -5.56 10.63
C TRP A 43 18.85 -6.22 10.57
N SER A 44 19.93 -5.46 10.73
CA SER A 44 21.25 -6.08 10.72
C SER A 44 21.48 -6.92 11.96
N ASP A 45 20.79 -6.62 13.05
CA ASP A 45 20.93 -7.42 14.26
C ASP A 45 20.35 -8.82 14.14
N VAL A 46 19.60 -9.15 13.07
CA VAL A 46 18.91 -10.43 12.99
C VAL A 46 19.16 -11.03 11.62
N THR A 47 20.10 -10.44 10.88
CA THR A 47 20.50 -10.98 9.59
C THR A 47 21.99 -10.81 9.40
N PRO A 48 22.54 -11.34 8.31
CA PRO A 48 23.91 -11.02 7.94
C PRO A 48 24.06 -9.74 7.14
N LEU A 49 23.04 -8.89 7.13
CA LEU A 49 23.09 -7.65 6.37
C LEU A 49 23.88 -6.61 7.13
N ASN A 50 24.44 -5.66 6.38
CA ASN A 50 25.20 -4.54 6.93
C ASN A 50 24.93 -3.27 6.16
N PHE A 51 24.90 -2.18 6.90
CA PHE A 51 24.49 -0.91 6.35
C PHE A 51 25.57 0.11 6.63
N THR A 52 25.86 0.90 5.61
CA THR A 52 26.93 1.89 5.65
C THR A 52 26.39 3.16 5.01
N ARG A 53 26.56 4.27 5.69
CA ARG A 53 26.07 5.56 5.21
C ARG A 53 27.11 6.27 4.33
N LEU A 54 26.64 6.83 3.23
CA LEU A 54 27.46 7.65 2.36
C LEU A 54 26.98 9.09 2.40
N HIS A 55 27.91 10.02 2.16
CA HIS A 55 27.57 11.44 2.01
C HIS A 55 27.59 11.92 0.58
N ASP A 56 28.04 11.12 -0.38
CA ASP A 56 27.93 11.51 -1.78
C ASP A 56 27.94 10.25 -2.63
N GLY A 57 27.46 10.41 -3.85
CA GLY A 57 27.20 9.28 -4.71
C GLY A 57 25.80 8.77 -4.48
N ILE A 58 25.43 7.79 -5.29
CA ILE A 58 24.13 7.14 -5.15
C ILE A 58 24.35 5.85 -4.34
N ALA A 59 23.68 5.75 -3.21
CA ALA A 59 23.70 4.51 -2.45
C ALA A 59 22.55 3.62 -2.90
N ASP A 60 22.63 2.35 -2.50
CA ASP A 60 21.53 1.43 -2.67
C ASP A 60 20.20 2.00 -2.17
N ILE A 61 20.19 2.56 -0.96
CA ILE A 61 18.97 3.12 -0.37
C ILE A 61 19.10 4.62 -0.20
N MET A 62 18.38 5.39 -1.02
CA MET A 62 18.40 6.84 -0.94
C MET A 62 17.21 7.37 -0.14
N ILE A 63 17.48 8.14 0.91
CA ILE A 63 16.49 8.59 1.88
C ILE A 63 16.21 10.07 1.69
N SER A 64 14.94 10.45 1.59
CA SER A 64 14.60 11.87 1.44
C SER A 64 13.33 12.21 2.19
N PHE A 65 13.10 13.50 2.33
CA PHE A 65 11.90 14.05 2.95
C PHE A 65 11.14 14.83 1.89
N GLY A 66 9.85 14.53 1.75
CA GLY A 66 9.06 15.14 0.70
C GLY A 66 7.73 15.56 1.27
N ILE A 67 6.97 16.27 0.45
CA ILE A 67 5.61 16.64 0.82
C ILE A 67 4.80 16.75 -0.47
N LYS A 68 3.48 16.54 -0.33
CA LYS A 68 2.57 16.43 -1.46
C LYS A 68 3.29 15.71 -2.59
N GLU A 69 3.20 16.24 -3.81
CA GLU A 69 3.84 15.56 -4.94
C GLU A 69 5.34 15.82 -4.89
N HIS A 70 6.13 14.78 -5.30
CA HIS A 70 7.57 14.74 -5.03
C HIS A 70 8.33 13.80 -5.97
N GLY A 71 7.77 13.46 -7.13
CA GLY A 71 8.55 12.92 -8.23
C GLY A 71 8.33 11.46 -8.54
N ASP A 72 7.73 10.69 -7.65
CA ASP A 72 7.30 9.36 -8.03
C ASP A 72 5.83 9.35 -8.41
N PHE A 73 5.12 10.46 -8.14
CA PHE A 73 3.71 10.64 -8.49
C PHE A 73 2.83 9.66 -7.70
N TYR A 74 3.31 9.32 -6.52
CA TYR A 74 2.59 8.82 -5.37
C TYR A 74 2.69 9.90 -4.32
N PRO A 75 1.93 10.97 -4.47
CA PRO A 75 2.06 12.11 -3.56
C PRO A 75 1.81 11.72 -2.11
N PHE A 76 2.35 12.52 -1.21
CA PHE A 76 1.93 12.51 0.17
C PHE A 76 0.71 13.39 0.28
N ASP A 77 0.21 13.59 1.50
CA ASP A 77 -1.19 13.97 1.65
C ASP A 77 -1.44 14.89 2.83
N GLY A 78 -0.41 15.41 3.45
CA GLY A 78 -0.59 16.37 4.51
C GLY A 78 -0.42 15.68 5.83
N PRO A 79 -0.72 16.41 6.90
CA PRO A 79 -0.63 15.84 8.25
C PRO A 79 -1.48 14.59 8.41
N SER A 80 -0.89 13.58 9.07
CA SER A 80 -1.50 12.27 9.26
C SER A 80 -1.71 11.61 7.91
N GLY A 81 -2.56 10.60 7.85
CA GLY A 81 -2.73 9.94 6.58
C GLY A 81 -1.53 9.09 6.24
N LEU A 82 -1.13 9.08 4.97
CA LEU A 82 0.11 8.41 4.57
C LEU A 82 1.30 9.11 5.24
N LEU A 83 2.19 8.30 5.83
CA LEU A 83 3.30 8.82 6.62
C LEU A 83 4.62 8.72 5.89
N ALA A 84 4.74 7.76 4.98
CA ALA A 84 5.99 7.46 4.32
C ALA A 84 5.74 6.29 3.40
N HIS A 85 6.72 5.99 2.57
CA HIS A 85 6.66 4.79 1.74
C HIS A 85 8.05 4.54 1.20
N ALA A 86 8.18 3.44 0.48
CA ALA A 86 9.48 2.93 0.15
C ALA A 86 9.29 1.88 -0.93
N PHE A 87 10.39 1.58 -1.63
CA PHE A 87 10.39 0.76 -2.83
C PHE A 87 11.15 -0.53 -2.58
N PRO A 88 10.77 -1.62 -3.22
CA PRO A 88 11.43 -2.90 -2.97
C PRO A 88 12.81 -2.96 -3.58
N PRO A 89 13.59 -4.01 -3.26
CA PRO A 89 14.97 -4.07 -3.75
C PRO A 89 15.06 -4.00 -5.26
N GLY A 90 16.18 -3.43 -5.73
CA GLY A 90 16.39 -3.17 -7.13
C GLY A 90 17.21 -1.92 -7.39
N PRO A 91 17.54 -1.69 -8.66
CA PRO A 91 18.41 -0.56 -9.01
C PRO A 91 17.69 0.76 -8.97
N ASN A 92 18.49 1.82 -8.93
CA ASN A 92 18.06 3.20 -8.76
C ASN A 92 16.91 3.33 -7.76
N TYR A 93 15.69 3.62 -8.22
CA TYR A 93 14.59 3.90 -7.30
C TYR A 93 14.36 2.77 -6.28
N GLY A 94 14.62 1.53 -6.65
CA GLY A 94 14.53 0.46 -5.71
C GLY A 94 15.32 0.62 -4.44
N GLY A 95 14.70 0.36 -3.30
CA GLY A 95 15.30 0.54 -2.01
C GLY A 95 14.95 1.87 -1.35
N ASP A 96 14.58 2.87 -2.15
CA ASP A 96 14.52 4.23 -1.64
C ASP A 96 13.37 4.39 -0.64
N ALA A 97 13.49 5.39 0.23
CA ALA A 97 12.57 5.65 1.32
C ALA A 97 12.25 7.13 1.37
N HIS A 98 10.97 7.49 1.20
CA HIS A 98 10.50 8.85 1.36
C HIS A 98 9.65 9.00 2.61
N PHE A 99 9.83 10.12 3.28
CA PHE A 99 9.10 10.47 4.49
C PHE A 99 8.34 11.76 4.26
N ASP A 100 7.06 11.77 4.65
CA ASP A 100 6.21 12.93 4.49
C ASP A 100 6.60 13.99 5.52
N ASP A 101 7.15 15.11 5.06
CA ASP A 101 7.55 16.11 6.02
C ASP A 101 6.38 16.94 6.50
N ASP A 102 5.19 16.76 5.94
CA ASP A 102 4.02 17.34 6.59
C ASP A 102 3.70 16.66 7.90
N GLU A 103 4.35 15.55 8.24
CA GLU A 103 4.30 15.05 9.59
C GLU A 103 5.32 15.79 10.43
N THR A 104 5.05 15.84 11.72
CA THR A 104 6.03 16.29 12.70
C THR A 104 6.81 15.09 13.17
N TRP A 105 8.13 15.10 12.93
CA TRP A 105 9.01 13.99 13.25
C TRP A 105 9.68 14.26 14.57
N THR A 106 9.73 13.24 15.43
CA THR A 106 10.34 13.37 16.75
C THR A 106 11.09 12.11 17.11
N SER A 107 11.93 12.29 18.12
CA SER A 107 12.63 11.21 18.80
C SER A 107 11.76 10.51 19.83
N SER A 108 10.56 11.02 20.12
CA SER A 108 9.65 10.38 21.08
C SER A 108 8.24 10.31 20.49
N SER A 109 7.24 10.81 21.21
CA SER A 109 5.83 10.70 20.81
C SER A 109 5.21 12.03 20.45
N LYS A 110 6.00 13.10 20.40
CA LYS A 110 5.50 14.43 20.08
C LYS A 110 5.31 14.58 18.57
N GLY A 111 4.41 13.75 18.05
CA GLY A 111 4.28 13.54 16.63
C GLY A 111 4.56 12.09 16.29
N TYR A 112 5.01 11.86 15.06
CA TYR A 112 5.35 10.52 14.62
C TYR A 112 6.81 10.24 14.90
N ASN A 113 7.08 9.05 15.43
CA ASN A 113 8.44 8.68 15.80
C ASN A 113 9.20 8.22 14.56
N LEU A 114 10.31 8.91 14.26
CA LEU A 114 11.03 8.69 13.01
C LEU A 114 11.71 7.33 13.00
N PHE A 115 12.28 6.93 14.13
CA PHE A 115 12.91 5.61 14.22
C PHE A 115 11.95 4.48 13.85
N LEU A 116 10.70 4.53 14.35
CA LEU A 116 9.78 3.42 14.13
C LEU A 116 9.31 3.39 12.69
N VAL A 117 9.01 4.56 12.14
CA VAL A 117 8.58 4.63 10.76
C VAL A 117 9.72 4.24 9.82
N ALA A 118 10.96 4.60 10.17
CA ALA A 118 12.09 4.21 9.33
C ALA A 118 12.35 2.70 9.42
N ALA A 119 12.37 2.15 10.63
CA ALA A 119 12.56 0.69 10.75
C ALA A 119 11.54 -0.05 9.89
N HIS A 120 10.28 0.41 9.89
CA HIS A 120 9.25 -0.20 9.09
C HIS A 120 9.52 -0.01 7.60
N GLU A 121 9.73 1.23 7.16
CA GLU A 121 9.95 1.48 5.74
C GLU A 121 11.15 0.71 5.23
N PHE A 122 12.22 0.61 6.02
CA PHE A 122 13.41 -0.11 5.56
C PHE A 122 13.14 -1.59 5.44
N GLY A 123 12.13 -2.12 6.14
CA GLY A 123 11.73 -3.49 5.94
C GLY A 123 11.19 -3.68 4.54
N HIS A 124 10.43 -2.69 4.06
CA HIS A 124 10.03 -2.64 2.66
C HIS A 124 11.23 -2.56 1.74
N SER A 125 12.21 -1.70 2.09
CA SER A 125 13.42 -1.52 1.28
C SER A 125 14.14 -2.83 1.04
N LEU A 126 13.97 -3.79 1.95
CA LEU A 126 14.66 -5.06 1.92
C LEU A 126 13.81 -6.17 1.34
N GLY A 127 12.56 -5.85 0.96
CA GLY A 127 11.65 -6.84 0.39
C GLY A 127 10.45 -7.27 1.21
N LEU A 128 10.30 -6.82 2.46
CA LEU A 128 9.16 -7.23 3.26
C LEU A 128 7.87 -6.56 2.81
N ASP A 129 6.78 -7.31 2.86
CA ASP A 129 5.42 -6.82 2.71
C ASP A 129 4.86 -6.35 4.06
N HIS A 130 3.72 -5.67 3.99
CA HIS A 130 2.92 -5.45 5.19
C HIS A 130 2.42 -6.77 5.77
N SER A 131 2.31 -6.80 7.10
CA SER A 131 1.90 -7.98 7.84
C SER A 131 0.41 -7.92 8.23
N LYS A 132 -0.16 -9.09 8.43
CA LYS A 132 -1.53 -9.18 8.94
C LYS A 132 -1.55 -9.18 10.47
N ASP A 133 -0.40 -9.38 11.10
CA ASP A 133 -0.26 -9.46 12.54
C ASP A 133 -0.19 -8.06 13.12
N PRO A 134 -1.21 -7.61 13.87
CA PRO A 134 -1.20 -6.22 14.36
C PRO A 134 -0.09 -5.92 15.34
N GLY A 135 0.59 -6.93 15.87
CA GLY A 135 1.74 -6.66 16.72
C GLY A 135 3.07 -6.57 15.99
N ALA A 136 3.08 -6.72 14.68
CA ALA A 136 4.29 -6.70 13.88
C ALA A 136 4.69 -5.28 13.53
N LEU A 137 6.02 -5.04 13.47
CA LEU A 137 6.57 -3.80 12.94
C LEU A 137 6.07 -3.52 11.54
N MET A 138 5.87 -4.56 10.74
CA MET A 138 5.43 -4.42 9.36
C MET A 138 3.90 -4.32 9.22
N PHE A 139 3.18 -4.09 10.29
CA PHE A 139 1.75 -3.87 10.19
C PHE A 139 1.46 -2.50 9.60
N PRO A 140 0.41 -2.35 8.78
CA PRO A 140 0.18 -1.05 8.09
C PRO A 140 -0.13 0.11 8.98
N ILE A 141 -0.62 -0.07 10.21
CA ILE A 141 -1.04 1.06 11.03
C ILE A 141 -0.04 1.33 12.11
N TYR A 142 0.35 2.58 12.22
CA TYR A 142 1.35 3.03 13.18
C TYR A 142 0.75 3.10 14.57
N THR A 143 1.50 2.63 15.55
CA THR A 143 1.23 2.78 16.95
C THR A 143 2.54 3.13 17.65
N TYR A 144 2.45 3.85 18.76
CA TYR A 144 3.60 4.09 19.63
C TYR A 144 3.26 3.44 20.97
N THR A 145 3.80 2.25 21.23
CA THR A 145 3.50 1.56 22.48
C THR A 145 4.39 2.02 23.62
N GLY A 146 5.35 2.91 23.35
CA GLY A 146 6.13 3.58 24.38
C GLY A 146 7.04 2.70 25.21
N LYS A 147 7.28 1.47 24.79
CA LYS A 147 8.16 0.59 25.56
C LYS A 147 9.56 1.16 25.61
N SER A 148 10.33 0.68 26.59
CA SER A 148 11.64 1.29 26.87
C SER A 148 12.72 0.75 25.95
N HIS A 149 12.65 -0.54 25.61
CA HIS A 149 13.66 -1.21 24.81
C HIS A 149 12.96 -1.86 23.63
N PHE A 150 13.34 -1.47 22.43
CA PHE A 150 12.68 -1.99 21.25
C PHE A 150 13.11 -3.42 21.02
N MET A 151 12.14 -4.29 20.74
CA MET A 151 12.40 -5.69 20.45
C MET A 151 11.61 -6.02 19.20
N LEU A 152 12.30 -6.42 18.14
CA LEU A 152 11.66 -6.71 16.88
C LEU A 152 10.71 -7.91 17.02
N PRO A 153 9.42 -7.76 16.69
CA PRO A 153 8.47 -8.86 16.88
C PRO A 153 8.80 -10.09 16.03
N ASP A 154 8.31 -11.24 16.48
CA ASP A 154 8.65 -12.54 15.87
C ASP A 154 8.23 -12.62 14.42
N ASP A 155 7.06 -12.07 14.08
CA ASP A 155 6.63 -12.08 12.68
C ASP A 155 7.67 -11.40 11.78
N ASP A 156 8.21 -10.26 12.21
CA ASP A 156 9.16 -9.56 11.37
C ASP A 156 10.49 -10.30 11.31
N VAL A 157 10.93 -10.89 12.43
CA VAL A 157 12.13 -11.70 12.42
C VAL A 157 12.01 -12.82 11.39
N GLN A 158 10.91 -13.54 11.41
CA GLN A 158 10.78 -14.68 10.51
C GLN A 158 10.72 -14.25 9.06
N GLY A 159 10.10 -13.11 8.78
CA GLY A 159 10.00 -12.67 7.41
C GLY A 159 11.34 -12.24 6.84
N ILE A 160 12.18 -11.57 7.66
CA ILE A 160 13.46 -11.09 7.15
C ILE A 160 14.45 -12.25 7.10
N GLN A 161 14.41 -13.15 8.08
CA GLN A 161 15.26 -14.34 8.04
C GLN A 161 14.83 -15.34 6.97
N SER A 162 13.61 -15.24 6.51
CA SER A 162 13.18 -16.10 5.43
C SER A 162 13.83 -15.65 4.11
N LEU A 163 14.21 -14.37 4.03
CA LEU A 163 14.87 -13.79 2.86
C LEU A 163 16.40 -13.87 2.92
N TYR A 164 17.02 -13.71 4.09
CA TYR A 164 18.46 -13.52 4.22
C TYR A 164 19.07 -14.42 5.29
N GLY A 165 18.26 -15.18 6.02
CA GLY A 165 18.75 -16.00 7.11
C GLY A 165 19.27 -15.17 8.25
N PRO A 166 19.76 -15.82 9.26
CA PRO A 166 20.13 -15.10 10.49
C PRO A 166 21.59 -14.68 10.54
N GLY A 167 22.02 -14.14 11.68
CA GLY A 167 23.42 -13.93 11.93
C GLY A 167 23.98 -14.88 12.97
N PRO B 6 6.19 7.77 -15.73
CA PRO B 6 5.82 7.32 -14.39
C PRO B 6 4.33 6.99 -14.36
N ARG B 7 3.64 7.42 -13.30
CA ARG B 7 2.31 6.92 -13.02
C ARG B 7 1.27 7.68 -13.83
N THR B 8 0.40 6.92 -14.49
CA THR B 8 -0.68 7.49 -15.27
C THR B 8 -1.83 7.97 -14.37
N LEU B 9 -2.18 9.24 -14.54
CA LEU B 9 -3.08 9.94 -13.62
C LEU B 9 -4.52 9.42 -13.69
N LYS B 10 -4.97 8.99 -14.86
CA LYS B 10 -6.37 8.62 -15.08
C LYS B 10 -6.43 7.88 -16.40
N TRP B 11 -7.59 7.30 -16.68
CA TRP B 11 -7.81 6.70 -17.97
C TRP B 11 -8.14 7.79 -18.98
N SER B 12 -7.65 7.63 -20.21
CA SER B 12 -7.95 8.58 -21.26
C SER B 12 -9.13 8.15 -22.10
N LYS B 13 -9.53 6.88 -22.00
CA LYS B 13 -10.84 6.46 -22.47
C LYS B 13 -11.87 6.83 -21.40
N MET B 14 -13.12 6.43 -21.65
CA MET B 14 -14.18 6.61 -20.68
C MET B 14 -15.10 5.41 -20.66
N ASN B 15 -14.89 4.43 -21.52
CA ASN B 15 -15.67 3.21 -21.51
C ASN B 15 -14.70 2.08 -21.21
N LEU B 16 -14.57 1.76 -19.94
CA LEU B 16 -13.67 0.71 -19.54
C LEU B 16 -14.43 -0.61 -19.52
N THR B 17 -13.67 -1.69 -19.58
CA THR B 17 -14.20 -3.04 -19.51
C THR B 17 -13.57 -3.79 -18.35
N TYR B 18 -14.30 -4.77 -17.81
CA TYR B 18 -13.77 -5.58 -16.71
C TYR B 18 -14.15 -7.03 -16.97
N ARG B 19 -13.45 -7.94 -16.29
CA ARG B 19 -13.66 -9.37 -16.40
C ARG B 19 -13.29 -10.04 -15.09
N ILE B 20 -14.02 -11.10 -14.74
CA ILE B 20 -13.81 -11.87 -13.53
C ILE B 20 -13.13 -13.20 -13.83
N VAL B 21 -11.80 -13.21 -13.79
CA VAL B 21 -11.04 -14.34 -14.31
C VAL B 21 -11.26 -15.61 -13.49
N ASN B 22 -11.58 -15.47 -12.20
CA ASN B 22 -11.90 -16.63 -11.39
C ASN B 22 -12.63 -16.15 -10.13
N TYR B 23 -13.26 -17.09 -9.43
CA TYR B 23 -14.26 -16.75 -8.42
C TYR B 23 -13.86 -17.27 -7.05
N THR B 24 -14.29 -16.56 -6.03
CA THR B 24 -14.16 -17.11 -4.70
C THR B 24 -15.22 -18.18 -4.48
N PRO B 25 -14.91 -19.24 -3.73
CA PRO B 25 -15.96 -20.19 -3.28
C PRO B 25 -16.93 -19.62 -2.28
N ASP B 26 -16.48 -18.75 -1.38
CA ASP B 26 -17.31 -18.19 -0.32
C ASP B 26 -18.62 -17.60 -0.85
N MET B 27 -18.72 -17.41 -2.16
CA MET B 27 -19.91 -16.84 -2.76
C MET B 27 -20.21 -17.55 -4.07
N THR B 28 -21.45 -17.42 -4.54
CA THR B 28 -21.83 -17.92 -5.85
C THR B 28 -21.39 -16.94 -6.90
N HIS B 29 -21.24 -17.44 -8.13
CA HIS B 29 -20.87 -16.55 -9.23
C HIS B 29 -21.84 -15.39 -9.34
N SER B 30 -23.06 -15.57 -8.87
CA SER B 30 -24.10 -14.58 -9.13
C SER B 30 -24.03 -13.44 -8.12
N GLU B 31 -23.72 -13.75 -6.86
CA GLU B 31 -23.53 -12.67 -5.88
C GLU B 31 -22.25 -11.89 -6.20
N VAL B 32 -21.17 -12.59 -6.60
CA VAL B 32 -19.95 -11.91 -7.01
C VAL B 32 -20.23 -10.90 -8.12
N GLU B 33 -21.00 -11.32 -9.13
CA GLU B 33 -21.26 -10.43 -10.26
C GLU B 33 -22.14 -9.26 -9.85
N LYS B 34 -23.09 -9.52 -8.95
CA LYS B 34 -23.94 -8.44 -8.46
C LYS B 34 -23.11 -7.41 -7.69
N ALA B 35 -22.16 -7.91 -6.89
CA ALA B 35 -21.35 -7.04 -6.04
C ALA B 35 -20.44 -6.15 -6.87
N PHE B 36 -19.76 -6.73 -7.87
CA PHE B 36 -18.90 -5.93 -8.74
C PHE B 36 -19.71 -4.94 -9.56
N LYS B 37 -20.86 -5.39 -10.10
CA LYS B 37 -21.74 -4.49 -10.85
C LYS B 37 -22.14 -3.29 -10.01
N LYS B 38 -22.65 -3.54 -8.81
CA LYS B 38 -22.98 -2.46 -7.89
C LYS B 38 -21.76 -1.62 -7.52
N ALA B 39 -20.60 -2.27 -7.39
CA ALA B 39 -19.36 -1.56 -7.04
C ALA B 39 -18.94 -0.56 -8.12
N PHE B 40 -18.84 -1.02 -9.37
CA PHE B 40 -18.51 -0.09 -10.46
C PHE B 40 -19.58 0.99 -10.60
N LYS B 41 -20.83 0.65 -10.26
CA LYS B 41 -21.91 1.61 -10.38
C LYS B 41 -21.72 2.81 -9.45
N VAL B 42 -21.15 2.60 -8.25
CA VAL B 42 -20.82 3.73 -7.38
C VAL B 42 -20.13 4.82 -8.18
N TRP B 43 -19.20 4.43 -9.05
CA TRP B 43 -18.32 5.39 -9.69
C TRP B 43 -18.88 5.92 -11.00
N SER B 44 -19.67 5.12 -11.73
CA SER B 44 -20.33 5.64 -12.93
C SER B 44 -21.38 6.71 -12.59
N ASP B 45 -22.12 6.54 -11.48
CA ASP B 45 -23.19 7.47 -11.13
C ASP B 45 -22.70 8.89 -10.91
N VAL B 46 -21.41 9.10 -10.65
CA VAL B 46 -20.86 10.43 -10.35
C VAL B 46 -19.87 10.87 -11.41
N THR B 47 -19.75 10.13 -12.51
CA THR B 47 -18.80 10.47 -13.54
C THR B 47 -19.37 10.10 -14.90
N PRO B 48 -18.72 10.53 -15.98
CA PRO B 48 -19.03 10.06 -17.33
C PRO B 48 -18.64 8.62 -17.61
N LEU B 49 -18.02 7.94 -16.65
CA LEU B 49 -17.46 6.62 -16.91
C LEU B 49 -18.57 5.59 -17.07
N ASN B 50 -18.25 4.56 -17.85
CA ASN B 50 -19.13 3.43 -18.10
C ASN B 50 -18.29 2.17 -18.08
N PHE B 51 -18.88 1.09 -17.59
CA PHE B 51 -18.16 -0.14 -17.31
C PHE B 51 -18.96 -1.29 -17.88
N THR B 52 -18.31 -2.11 -18.69
CA THR B 52 -18.95 -3.27 -19.28
C THR B 52 -18.15 -4.52 -18.97
N ARG B 53 -18.86 -5.58 -18.58
CA ARG B 53 -18.27 -6.85 -18.22
C ARG B 53 -17.93 -7.66 -19.47
N LEU B 54 -17.09 -8.68 -19.29
CA LEU B 54 -16.65 -9.55 -20.37
C LEU B 54 -16.47 -10.94 -19.81
N HIS B 55 -16.75 -11.93 -20.65
CA HIS B 55 -16.69 -13.33 -20.25
C HIS B 55 -15.44 -14.03 -20.78
N ASP B 56 -14.69 -13.39 -21.66
CA ASP B 56 -13.51 -14.01 -22.24
C ASP B 56 -12.61 -12.90 -22.75
N GLY B 57 -11.33 -13.21 -22.86
CA GLY B 57 -10.38 -12.29 -23.41
C GLY B 57 -9.82 -11.36 -22.34
N ILE B 58 -9.29 -10.23 -22.81
CA ILE B 58 -8.52 -9.33 -21.97
C ILE B 58 -9.32 -8.04 -21.83
N ALA B 59 -9.75 -7.75 -20.61
CA ALA B 59 -10.47 -6.54 -20.28
C ALA B 59 -9.52 -5.48 -19.71
N ASP B 60 -9.98 -4.23 -19.72
CA ASP B 60 -9.24 -3.15 -19.09
C ASP B 60 -8.89 -3.46 -17.64
N ILE B 61 -9.79 -4.11 -16.91
CA ILE B 61 -9.66 -4.36 -15.49
C ILE B 61 -9.85 -5.85 -15.28
N MET B 62 -8.75 -6.57 -15.07
CA MET B 62 -8.79 -8.00 -14.85
C MET B 62 -8.87 -8.28 -13.37
N ILE B 63 -9.90 -9.01 -12.96
CA ILE B 63 -10.25 -9.20 -11.56
C ILE B 63 -10.07 -10.68 -11.23
N SER B 64 -9.31 -10.97 -10.17
CA SER B 64 -9.12 -12.34 -9.72
C SER B 64 -9.01 -12.41 -8.20
N PHE B 65 -9.49 -13.52 -7.65
CA PHE B 65 -9.30 -13.92 -6.27
C PHE B 65 -8.18 -14.95 -6.27
N GLY B 66 -7.57 -15.16 -5.11
CA GLY B 66 -6.55 -16.19 -5.04
C GLY B 66 -5.86 -16.23 -3.69
N ILE B 67 -5.01 -17.24 -3.56
CA ILE B 67 -4.16 -17.40 -2.39
C ILE B 67 -2.73 -17.34 -2.87
N LYS B 68 -1.92 -16.50 -2.22
CA LYS B 68 -0.58 -16.25 -2.72
C LYS B 68 0.22 -17.55 -2.79
N GLU B 69 0.20 -18.34 -1.71
CA GLU B 69 1.07 -19.51 -1.63
C GLU B 69 0.73 -20.58 -2.67
N HIS B 70 -0.49 -20.58 -3.20
CA HIS B 70 -0.86 -21.51 -4.25
C HIS B 70 -0.44 -21.03 -5.63
N GLY B 71 0.31 -19.92 -5.70
CA GLY B 71 0.67 -19.32 -6.96
C GLY B 71 -0.49 -18.78 -7.76
N ASP B 72 -1.61 -18.46 -7.11
CA ASP B 72 -2.81 -18.00 -7.81
C ASP B 72 -2.65 -16.64 -8.48
N PHE B 73 -1.67 -15.83 -8.05
CA PHE B 73 -1.49 -14.52 -8.64
C PHE B 73 -0.26 -14.47 -9.56
N TYR B 74 0.61 -15.48 -9.50
CA TYR B 74 1.75 -15.58 -10.40
C TYR B 74 1.44 -15.06 -11.79
N PRO B 75 2.33 -14.23 -12.35
CA PRO B 75 3.63 -13.77 -11.87
C PRO B 75 3.58 -12.61 -10.85
N PHE B 76 2.38 -12.17 -10.49
CA PHE B 76 2.23 -11.09 -9.51
C PHE B 76 2.40 -11.59 -8.08
N ASP B 77 2.71 -10.65 -7.18
CA ASP B 77 2.80 -10.94 -5.76
C ASP B 77 1.41 -11.15 -5.14
N GLY B 78 0.47 -10.28 -5.47
CA GLY B 78 -0.85 -10.36 -4.90
C GLY B 78 -1.03 -9.32 -3.82
N PRO B 79 -2.18 -9.37 -3.12
CA PRO B 79 -2.48 -8.31 -2.15
C PRO B 79 -1.45 -8.14 -1.03
N SER B 80 -0.70 -9.17 -0.67
CA SER B 80 0.53 -9.00 0.13
C SER B 80 0.27 -8.23 1.43
N GLY B 81 -0.52 -8.85 2.29
CA GLY B 81 -0.80 -8.33 3.62
C GLY B 81 -2.07 -7.52 3.74
N LEU B 82 -2.80 -7.29 2.65
CA LEU B 82 -4.05 -6.56 2.69
C LEU B 82 -5.18 -7.44 2.19
N LEU B 83 -6.41 -6.97 2.45
CA LEU B 83 -7.60 -7.70 2.03
C LEU B 83 -7.63 -7.89 0.52
N ALA B 84 -7.16 -6.89 -0.22
CA ALA B 84 -7.22 -6.81 -1.66
C ALA B 84 -6.24 -5.73 -2.11
N HIS B 85 -6.02 -5.66 -3.41
CA HIS B 85 -5.11 -4.67 -3.97
C HIS B 85 -5.53 -4.38 -5.40
N ALA B 86 -5.32 -3.15 -5.85
CA ALA B 86 -5.56 -2.80 -7.24
C ALA B 86 -4.46 -1.88 -7.76
N PHE B 87 -4.14 -2.04 -9.00
CA PHE B 87 -3.14 -1.19 -9.64
C PHE B 87 -3.78 0.08 -10.17
N PRO B 88 -3.05 1.19 -10.19
CA PRO B 88 -3.61 2.41 -10.73
C PRO B 88 -3.75 2.34 -12.24
N PRO B 89 -4.34 3.36 -12.86
CA PRO B 89 -4.58 3.29 -14.30
C PRO B 89 -3.27 3.21 -15.05
N GLY B 90 -3.31 2.46 -16.13
CA GLY B 90 -2.12 2.22 -16.89
C GLY B 90 -2.38 1.10 -17.88
N PRO B 91 -1.42 0.89 -18.77
CA PRO B 91 -1.55 -0.21 -19.74
C PRO B 91 -1.27 -1.55 -19.07
N ASN B 92 -1.47 -2.60 -19.86
CA ASN B 92 -1.34 -3.97 -19.43
C ASN B 92 -2.06 -4.18 -18.11
N TYR B 93 -1.36 -4.41 -17.00
CA TYR B 93 -2.00 -4.76 -15.76
C TYR B 93 -2.51 -3.56 -14.96
N GLY B 94 -2.32 -2.32 -15.44
CA GLY B 94 -2.97 -1.18 -14.83
C GLY B 94 -4.45 -1.43 -14.61
N GLY B 95 -4.98 -1.03 -13.44
CA GLY B 95 -6.37 -1.22 -13.14
C GLY B 95 -6.78 -2.59 -12.62
N ASP B 96 -5.96 -3.62 -12.80
CA ASP B 96 -6.32 -4.95 -12.32
C ASP B 96 -6.53 -4.93 -10.80
N ALA B 97 -7.34 -5.86 -10.32
CA ALA B 97 -7.68 -5.97 -8.90
C ALA B 97 -7.51 -7.40 -8.43
N HIS B 98 -6.89 -7.57 -7.26
CA HIS B 98 -6.68 -8.87 -6.66
C HIS B 98 -7.28 -8.91 -5.26
N PHE B 99 -7.98 -10.00 -4.95
CA PHE B 99 -8.67 -10.18 -3.67
C PHE B 99 -8.09 -11.41 -2.96
N ASP B 100 -7.74 -11.23 -1.69
CA ASP B 100 -7.11 -12.30 -0.90
C ASP B 100 -8.20 -13.28 -0.46
N ASP B 101 -8.13 -14.50 -0.97
CA ASP B 101 -9.15 -15.50 -0.65
C ASP B 101 -8.85 -16.24 0.65
N ASP B 102 -7.66 -16.06 1.24
CA ASP B 102 -7.48 -16.47 2.62
C ASP B 102 -8.51 -15.81 3.54
N GLU B 103 -9.08 -14.67 3.12
CA GLU B 103 -10.18 -14.01 3.81
C GLU B 103 -11.51 -14.54 3.29
N THR B 104 -12.56 -14.34 4.09
CA THR B 104 -13.90 -14.82 3.80
C THR B 104 -14.75 -13.70 3.24
N TRP B 105 -15.25 -13.88 2.02
CA TRP B 105 -16.07 -12.89 1.35
C TRP B 105 -17.55 -13.25 1.49
N THR B 106 -18.38 -12.24 1.76
CA THR B 106 -19.83 -12.40 1.78
C THR B 106 -20.51 -11.27 1.03
N SER B 107 -21.80 -11.50 0.80
CA SER B 107 -22.70 -10.50 0.25
C SER B 107 -23.33 -9.68 1.34
N SER B 108 -23.14 -10.06 2.60
CA SER B 108 -23.71 -9.33 3.72
C SER B 108 -22.65 -8.99 4.76
N SER B 109 -22.59 -9.77 5.85
CA SER B 109 -21.73 -9.42 6.96
C SER B 109 -21.00 -10.62 7.56
N LYS B 110 -21.14 -11.82 6.99
CA LYS B 110 -20.47 -13.00 7.55
C LYS B 110 -19.08 -13.17 6.92
N GLY B 111 -18.28 -12.12 7.16
CA GLY B 111 -16.96 -11.98 6.58
C GLY B 111 -16.77 -10.57 6.07
N TYR B 112 -15.96 -10.42 5.03
CA TYR B 112 -15.73 -9.10 4.45
C TYR B 112 -16.71 -8.85 3.32
N ASN B 113 -17.38 -7.69 3.38
CA ASN B 113 -18.37 -7.34 2.37
C ASN B 113 -17.70 -7.07 1.03
N LEU B 114 -17.89 -7.99 0.07
CA LEU B 114 -17.23 -7.88 -1.22
C LEU B 114 -17.54 -6.57 -1.90
N PHE B 115 -18.79 -6.10 -1.83
CA PHE B 115 -19.15 -4.86 -2.53
C PHE B 115 -18.37 -3.66 -1.99
N LEU B 116 -18.21 -3.55 -0.67
CA LEU B 116 -17.55 -2.39 -0.11
C LEU B 116 -16.08 -2.37 -0.48
N VAL B 117 -15.41 -3.51 -0.33
CA VAL B 117 -14.01 -3.63 -0.71
C VAL B 117 -13.84 -3.42 -2.21
N ALA B 118 -14.69 -4.05 -3.02
CA ALA B 118 -14.55 -3.89 -4.47
C ALA B 118 -14.70 -2.43 -4.87
N ALA B 119 -15.71 -1.76 -4.34
CA ALA B 119 -15.89 -0.35 -4.66
C ALA B 119 -14.63 0.43 -4.32
N HIS B 120 -13.99 0.06 -3.21
CA HIS B 120 -12.78 0.74 -2.75
C HIS B 120 -11.64 0.52 -3.73
N GLU B 121 -11.37 -0.73 -4.07
CA GLU B 121 -10.28 -1.07 -4.98
C GLU B 121 -10.46 -0.43 -6.35
N PHE B 122 -11.67 -0.49 -6.91
CA PHE B 122 -11.95 0.10 -8.22
C PHE B 122 -11.68 1.60 -8.22
N GLY B 123 -11.85 2.28 -7.08
CA GLY B 123 -11.35 3.63 -6.98
C GLY B 123 -9.85 3.73 -7.21
N HIS B 124 -9.08 2.73 -6.74
CA HIS B 124 -7.67 2.67 -7.11
C HIS B 124 -7.53 2.37 -8.60
N SER B 125 -8.30 1.42 -9.13
CA SER B 125 -8.24 1.13 -10.55
C SER B 125 -8.43 2.38 -11.39
N LEU B 126 -9.15 3.38 -10.87
CA LEU B 126 -9.42 4.61 -11.60
C LEU B 126 -8.49 5.75 -11.26
N GLY B 127 -7.63 5.59 -10.28
CA GLY B 127 -6.64 6.59 -9.96
C GLY B 127 -6.80 7.32 -8.66
N LEU B 128 -7.64 6.82 -7.74
CA LEU B 128 -7.77 7.45 -6.43
C LEU B 128 -6.73 6.89 -5.47
N ASP B 129 -6.17 7.76 -4.66
CA ASP B 129 -5.40 7.38 -3.50
C ASP B 129 -6.31 7.21 -2.28
N HIS B 130 -5.70 6.82 -1.17
CA HIS B 130 -6.44 6.67 0.06
C HIS B 130 -6.78 8.01 0.68
N SER B 131 -7.89 8.05 1.41
CA SER B 131 -8.36 9.26 2.05
C SER B 131 -7.88 9.31 3.50
N LYS B 132 -7.76 10.53 3.99
CA LYS B 132 -7.50 10.77 5.40
C LYS B 132 -8.79 10.86 6.20
N ASP B 133 -9.93 10.95 5.52
CA ASP B 133 -11.23 11.10 6.17
C ASP B 133 -11.74 9.72 6.57
N PRO B 134 -11.91 9.43 7.86
CA PRO B 134 -12.31 8.07 8.27
C PRO B 134 -13.70 7.69 7.82
N GLY B 135 -14.52 8.64 7.39
CA GLY B 135 -15.81 8.32 6.82
C GLY B 135 -15.83 8.05 5.33
N ALA B 136 -14.69 8.14 4.66
CA ALA B 136 -14.61 7.96 3.22
C ALA B 136 -14.56 6.51 2.81
N LEU B 137 -15.16 6.22 1.66
CA LEU B 137 -14.99 4.91 1.05
C LEU B 137 -13.51 4.58 0.91
N MET B 138 -12.67 5.57 0.56
CA MET B 138 -11.28 5.32 0.23
C MET B 138 -10.38 5.41 1.44
N PHE B 139 -10.94 5.43 2.64
CA PHE B 139 -10.14 5.32 3.85
C PHE B 139 -9.44 3.97 3.83
N PRO B 140 -8.24 3.86 4.43
CA PRO B 140 -7.50 2.61 4.31
C PRO B 140 -7.99 1.48 5.17
N ILE B 141 -8.88 1.74 6.13
CA ILE B 141 -9.27 0.74 7.11
C ILE B 141 -10.74 0.42 6.92
N TYR B 142 -11.06 -0.88 6.93
CA TYR B 142 -12.39 -1.37 6.59
C TYR B 142 -13.27 -1.39 7.84
N THR B 143 -14.51 -0.94 7.67
CA THR B 143 -15.54 -1.06 8.69
C THR B 143 -16.83 -1.46 8.00
N TYR B 144 -17.58 -2.38 8.61
CA TYR B 144 -18.98 -2.60 8.23
C TYR B 144 -19.85 -2.05 9.34
N THR B 145 -20.91 -1.35 8.95
CA THR B 145 -21.89 -0.88 9.91
C THR B 145 -23.14 -1.74 9.92
N GLY B 146 -23.17 -2.84 9.17
CA GLY B 146 -24.38 -3.61 9.00
C GLY B 146 -25.53 -2.70 8.64
N LYS B 147 -25.48 -2.12 7.43
CA LYS B 147 -26.37 -1.06 7.03
C LYS B 147 -26.96 -1.38 5.67
N SER B 148 -28.01 -0.66 5.31
CA SER B 148 -28.82 -1.01 4.16
C SER B 148 -28.47 -0.18 2.94
N HIS B 149 -28.70 1.11 3.01
CA HIS B 149 -28.46 2.00 1.87
C HIS B 149 -27.02 2.48 1.90
N PHE B 150 -26.39 2.51 0.71
CA PHE B 150 -25.04 3.04 0.54
C PHE B 150 -25.09 4.38 -0.19
N MET B 151 -24.43 5.38 0.39
CA MET B 151 -24.29 6.70 -0.21
C MET B 151 -22.80 7.05 -0.27
N LEU B 152 -22.26 7.14 -1.48
CA LEU B 152 -20.84 7.47 -1.65
C LEU B 152 -20.54 8.81 -0.97
N PRO B 153 -19.59 8.87 -0.04
CA PRO B 153 -19.33 10.13 0.67
C PRO B 153 -18.80 11.19 -0.27
N ASP B 154 -18.80 12.44 0.21
CA ASP B 154 -18.43 13.55 -0.67
C ASP B 154 -16.94 13.58 -0.94
N ASP B 155 -16.11 13.35 0.08
CA ASP B 155 -14.68 13.30 -0.15
C ASP B 155 -14.35 12.41 -1.33
N ASP B 156 -15.08 11.29 -1.46
CA ASP B 156 -14.89 10.37 -2.57
C ASP B 156 -15.42 10.91 -3.88
N VAL B 157 -16.49 11.70 -3.84
CA VAL B 157 -17.00 12.29 -5.08
C VAL B 157 -16.06 13.41 -5.54
N GLN B 158 -15.71 14.34 -4.67
CA GLN B 158 -14.74 15.38 -5.04
C GLN B 158 -13.47 14.80 -5.67
N GLY B 159 -13.03 13.63 -5.21
CA GLY B 159 -11.75 13.09 -5.65
C GLY B 159 -11.83 12.41 -7.00
N ILE B 160 -12.90 11.66 -7.23
CA ILE B 160 -13.06 11.05 -8.53
C ILE B 160 -13.48 12.09 -9.56
N GLN B 161 -14.15 13.15 -9.14
CA GLN B 161 -14.61 14.10 -10.13
C GLN B 161 -13.54 15.12 -10.47
N SER B 162 -12.53 15.29 -9.62
CA SER B 162 -11.44 16.14 -10.03
C SER B 162 -10.54 15.46 -11.07
N LEU B 163 -10.66 14.16 -11.24
CA LEU B 163 -10.00 13.47 -12.34
C LEU B 163 -10.87 13.43 -13.59
N TYR B 164 -12.17 13.20 -13.42
CA TYR B 164 -13.06 12.79 -14.51
C TYR B 164 -14.28 13.67 -14.71
N GLY B 165 -14.48 14.70 -13.89
CA GLY B 165 -15.64 15.55 -13.98
C GLY B 165 -16.90 14.78 -13.69
N PRO B 166 -18.05 15.48 -13.63
CA PRO B 166 -19.32 14.82 -13.26
C PRO B 166 -20.12 14.28 -14.44
N GLY B 167 -21.21 13.58 -14.15
CA GLY B 167 -22.12 13.12 -15.19
C GLY B 167 -23.18 14.15 -15.51
#